data_6G38
#
_entry.id   6G38
#
_cell.length_a   78.560
_cell.length_b   78.760
_cell.length_c   80.020
_cell.angle_alpha   90.00
_cell.angle_beta   90.00
_cell.angle_gamma   90.00
#
_symmetry.space_group_name_H-M   'P 21 21 21'
#
loop_
_entity.id
_entity.type
_entity.pdbx_description
1 polymer 'Serine/threonine-protein kinase haspin'
2 non-polymer "'2-(4-AMINO-PYRROLO[2,3-D]PYRIMIDIN-7-YL)-5-HYDROXYMETHYL-TETRAHYDRO-FURAN-3,4-DIOL"
3 non-polymer 'DIMETHYL SULFOXIDE'
4 non-polymer '4-(2-HYDROXYETHYL)-1-PIPERAZINE ETHANESULFONIC ACID'
5 non-polymer 'PHOSPHATE ION'
6 water water
#
_entity_poly.entity_id   1
_entity_poly.type   'polypeptide(L)'
_entity_poly.pdbx_seq_one_letter_code
;MHHHHHHSSGVDLGTENLYFQSMGECSQKGPVPFSHCLPTEKLQRCEKIGEGVFGEVFQTIADHTPVAIKIIAIEGPDLV
NGSHQKTFEEILPEIIISKELSLLSGEVCNRTEGFIGLNSVHCVQGSYPPLLLKAWDHYNSTKGSANDRPDFFKDDQLFI
VLEFEFGGIDLEQMRTKLSSLATAKSILHQLTASLAVAEASLRFEHRDLHWGNVLLKKTSLKKLHYTLNGKSSTIPSCGL
QVSIIDYTLSRLERDGIVVFCDVSMDEDLFTGDGDYQFDIYRLMKKENNNRWGEYHPYSNVLWLHYLTDKMLKQMTFKTK
CNTPAMKQIKRKIQEFHRTMLNFSSATDLLCQHSLFK
;
_entity_poly.pdbx_strand_id   A
#
loop_
_chem_comp.id
_chem_comp.type
_chem_comp.name
_chem_comp.formula
DMS non-polymer 'DIMETHYL SULFOXIDE' 'C2 H6 O S'
EPE non-polymer '4-(2-HYDROXYETHYL)-1-PIPERAZINE ETHANESULFONIC ACID' 'C8 H18 N2 O4 S'
PO4 non-polymer 'PHOSPHATE ION' 'O4 P -3'
TBN non-polymer '2-(4-AMINO-PYRROLO[2,3-D]PYRIMIDIN-7-YL)-5-HYDROXYMETHYL-TETRAHYDRO-FURAN-3,4-DIOL 'C11 H14 N4 O4'
#
# COMPACT_ATOMS: atom_id res chain seq x y z
N PRO A 31 2.42 23.79 14.13
CA PRO A 31 2.93 22.45 14.46
C PRO A 31 2.89 22.13 15.95
N VAL A 32 2.85 20.84 16.27
CA VAL A 32 2.75 20.31 17.66
C VAL A 32 4.03 19.54 18.01
N PRO A 33 4.33 19.34 19.31
CA PRO A 33 5.45 18.46 19.65
C PRO A 33 5.14 17.03 19.37
N PHE A 34 6.18 16.20 19.29
CA PHE A 34 5.94 14.78 19.12
C PHE A 34 5.02 14.20 20.19
N SER A 35 5.19 14.67 21.43
CA SER A 35 4.35 14.21 22.55
C SER A 35 2.84 14.34 22.34
N HIS A 36 2.39 15.23 21.45
CA HIS A 36 0.97 15.30 21.10
C HIS A 36 0.43 14.01 20.44
N CYS A 37 1.20 13.46 19.52
CA CYS A 37 0.88 12.22 18.79
C CYS A 37 1.27 10.97 19.50
N LEU A 38 2.38 11.09 20.23
CA LEU A 38 3.02 9.98 20.88
CA LEU A 38 3.00 9.98 20.87
C LEU A 38 3.23 10.37 22.33
N PRO A 39 2.14 10.39 23.10
CA PRO A 39 2.32 10.55 24.54
C PRO A 39 3.18 9.42 25.10
N THR A 40 3.66 9.61 26.32
CA THR A 40 4.69 8.72 26.85
C THR A 40 4.43 7.26 26.70
N GLU A 41 3.24 6.76 27.09
CA GLU A 41 3.04 5.31 27.05
C GLU A 41 3.05 4.81 25.60
N LYS A 42 2.46 5.61 24.72
CA LYS A 42 2.40 5.24 23.30
C LYS A 42 3.80 5.26 22.67
N LEU A 43 4.59 6.27 23.03
CA LEU A 43 5.99 6.29 22.59
C LEU A 43 6.80 5.10 23.13
N GLN A 44 6.63 4.77 24.40
CA GLN A 44 7.32 3.64 25.01
C GLN A 44 7.03 2.29 24.37
N ARG A 45 5.85 2.17 23.75
CA ARG A 45 5.42 0.95 23.10
C ARG A 45 5.76 0.90 21.59
N CYS A 46 6.42 1.94 21.06
CA CYS A 46 6.80 1.94 19.66
C CYS A 46 7.88 0.93 19.36
N GLU A 47 7.64 0.14 18.31
CA GLU A 47 8.63 -0.77 17.75
C GLU A 47 8.70 -0.46 16.25
N LYS A 48 9.90 -0.39 15.70
CA LYS A 48 10.01 -0.11 14.26
C LYS A 48 9.59 -1.34 13.46
N ILE A 49 8.77 -1.11 12.44
CA ILE A 49 8.31 -2.21 11.56
C ILE A 49 8.65 -2.07 10.08
N GLY A 50 9.08 -0.89 9.64
CA GLY A 50 9.37 -0.72 8.24
C GLY A 50 10.03 0.60 7.95
N GLU A 51 10.47 0.72 6.71
CA GLU A 51 11.25 1.91 6.30
C GLU A 51 11.24 2.04 4.80
N GLY A 52 11.65 3.23 4.35
CA GLY A 52 12.06 3.40 2.98
C GLY A 52 12.83 4.71 2.91
N VAL A 53 13.17 5.12 1.68
CA VAL A 53 13.84 6.42 1.55
C VAL A 53 12.95 7.52 2.18
N PHE A 54 11.64 7.36 2.07
CA PHE A 54 10.71 8.32 2.63
C PHE A 54 10.84 8.61 4.10
N GLY A 55 11.33 7.66 4.89
CA GLY A 55 11.24 7.75 6.34
C GLY A 55 11.01 6.44 7.01
N GLU A 56 10.26 6.49 8.12
CA GLU A 56 10.21 5.40 9.09
C GLU A 56 8.77 5.04 9.42
N VAL A 57 8.55 3.76 9.72
CA VAL A 57 7.25 3.25 10.15
C VAL A 57 7.40 2.46 11.46
N PHE A 58 6.62 2.87 12.47
CA PHE A 58 6.61 2.24 13.78
C PHE A 58 5.24 1.65 14.03
N GLN A 59 5.19 0.60 14.85
CA GLN A 59 3.92 0.09 15.40
C GLN A 59 3.88 0.45 16.85
N THR A 60 2.70 0.86 17.29
CA THR A 60 2.45 1.06 18.71
C THR A 60 1.02 0.60 19.04
N ILE A 61 0.57 0.92 20.23
CA ILE A 61 -0.74 0.47 20.67
C ILE A 61 -1.37 1.59 21.48
N ALA A 62 -2.65 1.81 21.26
CA ALA A 62 -3.42 2.66 22.16
C ALA A 62 -4.84 2.14 22.19
N ASP A 63 -5.51 2.27 23.33
CA ASP A 63 -6.81 1.66 23.50
C ASP A 63 -6.80 0.22 22.98
N HIS A 64 -5.79 -0.53 23.44
CA HIS A 64 -5.70 -1.96 23.16
C HIS A 64 -5.60 -2.35 21.67
N THR A 65 -5.30 -1.37 20.81
CA THR A 65 -5.41 -1.56 19.38
C THR A 65 -4.12 -1.14 18.73
N PRO A 66 -3.50 -2.04 17.96
CA PRO A 66 -2.28 -1.62 17.28
C PRO A 66 -2.52 -0.58 16.18
N VAL A 67 -1.53 0.29 16.00
CA VAL A 67 -1.57 1.29 14.94
C VAL A 67 -0.17 1.40 14.33
N ALA A 68 -0.12 1.86 13.09
CA ALA A 68 1.13 2.13 12.41
C ALA A 68 1.33 3.62 12.29
N ILE A 69 2.53 4.08 12.62
CA ILE A 69 2.86 5.49 12.63
C ILE A 69 3.96 5.71 11.60
N LYS A 70 3.64 6.47 10.56
CA LYS A 70 4.56 6.79 9.48
C LYS A 70 5.08 8.20 9.70
N ILE A 71 6.40 8.36 9.75
CA ILE A 71 7.01 9.65 10.10
C ILE A 71 7.90 10.09 8.95
N ILE A 72 7.57 11.26 8.38
CA ILE A 72 8.26 11.80 7.19
C ILE A 72 8.82 13.18 7.52
N ALA A 73 10.14 13.37 7.40
CA ALA A 73 10.74 14.72 7.54
C ALA A 73 10.34 15.59 6.35
N ILE A 74 9.94 16.81 6.59
CA ILE A 74 9.62 17.76 5.53
C ILE A 74 10.30 19.11 5.72
N GLU A 75 10.45 19.82 4.60
CA GLU A 75 10.78 21.23 4.55
C GLU A 75 12.22 21.64 4.87
N GLY A 76 13.07 20.71 5.27
CA GLY A 76 14.43 21.01 5.68
C GLY A 76 15.42 20.81 4.59
N PRO A 77 16.65 21.31 4.81
CA PRO A 77 17.67 21.29 3.78
C PRO A 77 18.58 20.06 3.79
N ASP A 78 18.48 19.21 4.81
CA ASP A 78 19.38 18.06 4.93
C ASP A 78 18.91 16.96 3.97
N LEU A 79 19.86 16.30 3.34
CA LEU A 79 19.54 15.01 2.75
C LEU A 79 19.12 14.06 3.87
N VAL A 80 18.15 13.22 3.55
CA VAL A 80 17.65 12.18 4.46
C VAL A 80 17.60 10.92 3.66
N ASN A 81 18.39 9.92 4.07
CA ASN A 81 18.46 8.65 3.34
C ASN A 81 18.90 8.88 1.89
N GLY A 82 19.75 9.90 1.71
CA GLY A 82 20.29 10.20 0.39
C GLY A 82 19.45 11.08 -0.53
N SER A 83 18.27 11.51 -0.07
CA SER A 83 17.31 12.27 -0.92
C SER A 83 16.88 13.57 -0.21
N HIS A 84 16.50 14.56 -1.00
CA HIS A 84 15.95 15.80 -0.43
C HIS A 84 14.59 15.53 0.20
N GLN A 85 14.32 16.30 1.24
CA GLN A 85 13.01 16.23 1.91
C GLN A 85 11.93 16.86 1.06
N LYS A 86 10.75 16.23 1.07
CA LYS A 86 9.58 16.83 0.46
C LYS A 86 9.20 18.13 1.17
N THR A 87 8.63 19.05 0.41
CA THR A 87 7.96 20.23 0.98
C THR A 87 6.55 19.83 1.45
N PHE A 88 5.91 20.72 2.19
CA PHE A 88 4.53 20.46 2.60
C PHE A 88 3.64 20.28 1.36
N GLU A 89 3.83 21.12 0.36
CA GLU A 89 3.05 20.99 -0.90
C GLU A 89 3.25 19.63 -1.58
N GLU A 90 4.46 19.08 -1.49
CA GLU A 90 4.75 17.78 -2.08
C GLU A 90 4.19 16.61 -1.29
N ILE A 91 3.97 16.77 0.01
CA ILE A 91 3.42 15.68 0.84
C ILE A 91 1.88 15.71 0.88
N LEU A 92 1.27 16.87 0.54
CA LEU A 92 -0.17 16.98 0.56
C LEU A 92 -0.92 15.91 -0.27
N PRO A 93 -0.44 15.56 -1.50
CA PRO A 93 -1.16 14.53 -2.25
C PRO A 93 -1.33 13.21 -1.48
N GLU A 94 -0.27 12.72 -0.85
CA GLU A 94 -0.38 11.49 -0.08
C GLU A 94 -1.39 11.63 1.06
N ILE A 95 -1.39 12.79 1.73
CA ILE A 95 -2.34 13.02 2.82
C ILE A 95 -3.77 12.97 2.29
N ILE A 96 -4.03 13.73 1.23
CA ILE A 96 -5.34 13.76 0.63
C ILE A 96 -5.83 12.37 0.19
N ILE A 97 -4.96 11.65 -0.53
CA ILE A 97 -5.34 10.36 -1.04
C ILE A 97 -5.57 9.35 0.09
N SER A 98 -4.71 9.41 1.13
CA SER A 98 -4.89 8.51 2.27
C SER A 98 -6.28 8.73 2.88
N LYS A 99 -6.71 9.99 2.99
CA LYS A 99 -8.02 10.26 3.55
C LYS A 99 -9.14 9.73 2.65
N GLU A 100 -9.05 10.00 1.35
CA GLU A 100 -10.12 9.57 0.46
C GLU A 100 -10.27 8.05 0.45
N LEU A 101 -9.14 7.34 0.44
CA LEU A 101 -9.22 5.87 0.37
C LEU A 101 -9.71 5.27 1.69
N SER A 102 -9.31 5.88 2.82
CA SER A 102 -9.83 5.46 4.11
C SER A 102 -11.32 5.63 4.17
N LEU A 103 -11.83 6.74 3.62
CA LEU A 103 -13.26 7.01 3.69
C LEU A 103 -14.10 6.00 2.91
N LEU A 104 -13.49 5.27 1.96
CA LEU A 104 -14.27 4.28 1.22
C LEU A 104 -14.84 3.19 2.09
N SER A 105 -14.27 2.97 3.28
CA SER A 105 -14.84 1.94 4.16
C SER A 105 -16.21 2.29 4.67
N GLY A 106 -16.56 3.57 4.64
CA GLY A 106 -17.84 4.03 5.15
C GLY A 106 -18.79 4.59 4.13
N GLU A 107 -18.46 4.42 2.85
CA GLU A 107 -19.35 4.87 1.79
C GLU A 107 -20.39 3.83 1.45
N VAL A 108 -21.25 4.13 0.48
CA VAL A 108 -22.41 3.27 0.18
C VAL A 108 -22.37 2.69 -1.22
N CYS A 109 -22.35 3.53 -2.24
CA CYS A 109 -22.40 3.05 -3.63
C CYS A 109 -21.05 2.44 -4.04
N ASN A 110 -19.95 3.01 -3.53
CA ASN A 110 -18.60 2.50 -3.80
C ASN A 110 -17.89 2.37 -2.45
N ARG A 111 -17.89 1.14 -1.95
CA ARG A 111 -17.47 0.81 -0.59
C ARG A 111 -16.46 -0.34 -0.60
N THR A 112 -15.36 -0.14 0.09
CA THR A 112 -14.36 -1.18 0.29
C THR A 112 -13.57 -0.90 1.56
N GLU A 113 -13.21 -1.99 2.25
CA GLU A 113 -12.24 -1.90 3.36
C GLU A 113 -10.85 -2.31 2.95
N GLY A 114 -10.60 -2.42 1.63
CA GLY A 114 -9.33 -2.94 1.15
C GLY A 114 -8.17 -2.00 1.02
N PHE A 115 -8.36 -0.75 1.41
CA PHE A 115 -7.26 0.18 1.64
C PHE A 115 -6.91 0.13 3.10
N ILE A 116 -6.41 1.19 3.69
CA ILE A 116 -6.03 1.19 5.09
C ILE A 116 -6.68 2.37 5.76
N GLY A 117 -7.09 2.18 7.00
CA GLY A 117 -7.65 3.28 7.73
C GLY A 117 -6.65 4.35 8.08
N LEU A 118 -7.08 5.58 7.94
CA LEU A 118 -6.30 6.72 8.40
C LEU A 118 -6.92 7.30 9.67
N ASN A 119 -6.16 7.24 10.76
CA ASN A 119 -6.68 7.74 12.04
C ASN A 119 -6.46 9.23 12.22
N SER A 120 -5.26 9.69 11.86
CA SER A 120 -4.93 11.10 12.06
C SER A 120 -3.71 11.49 11.29
N VAL A 121 -3.56 12.81 11.11
CA VAL A 121 -2.35 13.37 10.45
C VAL A 121 -1.98 14.59 11.24
N HIS A 122 -0.70 14.70 11.62
CA HIS A 122 -0.20 15.87 12.34
C HIS A 122 1.07 16.40 11.69
N CYS A 123 1.28 17.69 11.84
CA CYS A 123 2.57 18.30 11.56
C CYS A 123 3.22 18.54 12.89
N VAL A 124 4.39 17.93 13.05
CA VAL A 124 5.14 17.94 14.29
C VAL A 124 6.44 18.72 14.09
N GLN A 125 6.88 19.38 15.16
CA GLN A 125 8.17 20.07 15.17
C GLN A 125 9.00 19.57 16.35
N GLY A 126 10.24 19.19 16.08
CA GLY A 126 11.21 18.84 17.10
C GLY A 126 12.28 17.93 16.60
N SER A 127 13.26 17.67 17.47
CA SER A 127 14.27 16.65 17.18
C SER A 127 13.63 15.27 17.34
N TYR A 128 14.29 14.26 16.80
CA TYR A 128 13.69 12.91 16.84
C TYR A 128 13.66 12.40 18.28
N PRO A 129 12.50 11.91 18.73
CA PRO A 129 12.44 11.37 20.10
C PRO A 129 13.49 10.30 20.39
N PRO A 130 14.24 10.45 21.50
CA PRO A 130 15.14 9.39 21.91
C PRO A 130 14.53 7.97 21.94
N LEU A 131 13.28 7.85 22.38
CA LEU A 131 12.63 6.55 22.44
C LEU A 131 12.43 5.95 21.03
N LEU A 132 12.21 6.80 20.03
CA LEU A 132 12.12 6.31 18.66
C LEU A 132 13.49 5.94 18.12
N LEU A 133 14.54 6.66 18.52
CA LEU A 133 15.89 6.26 18.14
C LEU A 133 16.25 4.91 18.73
N LYS A 134 15.84 4.64 19.97
CA LYS A 134 16.03 3.32 20.59
C LYS A 134 15.36 2.22 19.74
N ALA A 135 14.12 2.46 19.32
CA ALA A 135 13.41 1.49 18.46
C ALA A 135 14.09 1.34 17.11
N TRP A 136 14.58 2.46 16.57
CA TRP A 136 15.29 2.46 15.29
C TRP A 136 16.55 1.61 15.39
N ASP A 137 17.28 1.77 16.49
CA ASP A 137 18.48 0.97 16.70
C ASP A 137 18.24 -0.51 16.84
N HIS A 138 17.19 -0.88 17.56
CA HIS A 138 16.86 -2.29 17.70
C HIS A 138 16.58 -2.96 16.34
N TYR A 139 15.83 -2.27 15.48
CA TYR A 139 15.58 -2.77 14.13
C TYR A 139 16.89 -2.89 13.34
N ASN A 140 17.74 -1.89 13.46
CA ASN A 140 19.02 -1.91 12.74
C ASN A 140 19.88 -3.11 13.16
N SER A 141 19.85 -3.41 14.46
CA SER A 141 20.61 -4.52 15.06
C SER A 141 20.11 -5.92 14.63
N THR A 142 18.79 -6.00 14.40
CA THR A 142 18.14 -7.29 14.16
C THR A 142 17.83 -7.55 12.69
N LYS A 143 17.28 -6.57 11.99
CA LYS A 143 16.92 -6.72 10.58
C LYS A 143 17.89 -5.99 9.66
N GLY A 144 18.54 -4.93 10.14
CA GLY A 144 19.38 -4.10 9.33
C GLY A 144 18.58 -3.02 8.63
N SER A 145 19.18 -1.84 8.54
CA SER A 145 18.54 -0.70 7.88
C SER A 145 19.39 -0.15 6.76
N ALA A 146 18.73 0.37 5.73
CA ALA A 146 19.33 1.09 4.63
C ALA A 146 19.28 2.58 4.88
N ASN A 147 18.64 3.00 5.98
CA ASN A 147 18.46 4.42 6.26
C ASN A 147 19.54 4.97 7.15
N ASP A 148 19.66 6.29 7.12
CA ASP A 148 20.47 7.01 8.12
C ASP A 148 19.78 6.94 9.50
N ARG A 149 20.56 6.82 10.57
CA ARG A 149 20.00 6.93 11.91
C ARG A 149 19.48 8.36 12.03
N PRO A 150 18.17 8.51 12.35
CA PRO A 150 17.55 9.85 12.26
C PRO A 150 17.80 10.70 13.49
N ASP A 151 19.10 10.93 13.78
CA ASP A 151 19.50 11.57 15.03
C ASP A 151 20.13 12.94 14.81
N PHE A 152 20.01 13.45 13.58
CA PHE A 152 20.69 14.68 13.16
C PHE A 152 19.74 15.86 12.98
N PHE A 153 18.48 15.67 13.34
CA PHE A 153 17.48 16.73 13.23
C PHE A 153 17.55 17.68 14.42
N LYS A 154 17.37 18.96 14.13
CA LYS A 154 17.29 19.98 15.15
C LYS A 154 15.88 20.18 15.65
N ASP A 155 15.78 20.97 16.72
CA ASP A 155 14.48 21.20 17.35
C ASP A 155 13.48 22.01 16.55
N ASP A 156 13.90 22.58 15.41
CA ASP A 156 12.97 23.24 14.51
C ASP A 156 12.53 22.39 13.34
N GLN A 157 12.99 21.13 13.29
CA GLN A 157 12.65 20.28 12.16
C GLN A 157 11.18 19.96 12.12
N LEU A 158 10.58 20.03 10.93
CA LEU A 158 9.19 19.60 10.76
C LEU A 158 9.09 18.18 10.22
N PHE A 159 8.02 17.52 10.66
CA PHE A 159 7.66 16.19 10.22
C PHE A 159 6.17 16.14 9.99
N ILE A 160 5.77 15.25 9.09
CA ILE A 160 4.38 14.79 9.01
C ILE A 160 4.32 13.42 9.67
N VAL A 161 3.37 13.28 10.60
CA VAL A 161 3.16 12.01 11.30
C VAL A 161 1.75 11.52 10.92
N LEU A 162 1.72 10.43 10.18
CA LEU A 162 0.45 9.81 9.75
C LEU A 162 0.22 8.57 10.63
N GLU A 163 -0.95 8.51 11.25
CA GLU A 163 -1.32 7.37 12.07
C GLU A 163 -2.36 6.56 11.30
N PHE A 164 -2.02 5.31 10.98
CA PHE A 164 -2.89 4.41 10.26
C PHE A 164 -3.31 3.22 11.12
N GLU A 165 -4.42 2.61 10.70
CA GLU A 165 -4.71 1.24 11.06
C GLU A 165 -3.48 0.37 10.85
N PHE A 166 -3.21 -0.55 11.77
CA PHE A 166 -2.21 -1.57 11.53
C PHE A 166 -2.80 -2.63 10.60
N GLY A 167 -2.18 -2.77 9.41
CA GLY A 167 -2.74 -3.60 8.37
C GLY A 167 -2.29 -5.05 8.32
N GLY A 168 -1.36 -5.43 9.18
CA GLY A 168 -0.80 -6.80 9.13
C GLY A 168 0.59 -6.77 8.55
N ILE A 169 0.97 -7.87 7.93
CA ILE A 169 2.34 -8.11 7.45
C ILE A 169 2.32 -8.07 5.91
N ASP A 170 3.35 -7.46 5.33
CA ASP A 170 3.40 -7.32 3.89
C ASP A 170 3.63 -8.66 3.18
N LEU A 171 3.13 -8.70 1.94
CA LEU A 171 3.16 -9.89 1.13
C LEU A 171 4.59 -10.42 0.92
N GLU A 172 5.54 -9.49 0.71
CA GLU A 172 6.96 -9.86 0.56
C GLU A 172 7.45 -10.64 1.81
N GLN A 173 7.15 -10.13 3.01
CA GLN A 173 7.55 -10.83 4.26
C GLN A 173 6.77 -12.13 4.48
N MET A 174 5.63 -12.28 3.79
CA MET A 174 4.86 -13.50 3.82
C MET A 174 5.19 -14.48 2.70
N ARG A 175 6.30 -14.26 1.99
CA ARG A 175 6.68 -15.08 0.84
C ARG A 175 6.57 -16.58 1.08
N THR A 176 6.92 -17.05 2.29
CA THR A 176 6.96 -18.47 2.61
C THR A 176 5.93 -18.88 3.64
N LYS A 177 4.95 -18.00 3.89
CA LYS A 177 4.08 -18.16 5.04
C LYS A 177 2.64 -18.52 4.75
N LEU A 178 2.22 -18.48 3.49
CA LEU A 178 0.82 -18.72 3.14
C LEU A 178 0.55 -20.17 2.89
N SER A 179 -0.72 -20.53 3.09
CA SER A 179 -1.15 -21.93 3.05
C SER A 179 -1.09 -22.56 1.67
N SER A 180 -1.73 -21.94 0.69
CA SER A 180 -1.83 -22.51 -0.65
C SER A 180 -2.20 -21.45 -1.67
N LEU A 181 -2.19 -21.84 -2.95
CA LEU A 181 -2.65 -20.92 -3.99
C LEU A 181 -4.10 -20.51 -3.84
N ALA A 182 -4.92 -21.25 -3.08
CA ALA A 182 -6.28 -20.78 -2.76
C ALA A 182 -6.24 -19.43 -2.08
N THR A 183 -5.25 -19.25 -1.18
CA THR A 183 -5.06 -18.00 -0.49
C THR A 183 -4.67 -16.93 -1.48
N ALA A 184 -3.81 -17.28 -2.43
CA ALA A 184 -3.39 -16.35 -3.47
C ALA A 184 -4.58 -15.82 -4.27
N LYS A 185 -5.52 -16.69 -4.58
CA LYS A 185 -6.70 -16.30 -5.33
C LYS A 185 -7.51 -15.27 -4.54
N SER A 186 -7.75 -15.55 -3.27
CA SER A 186 -8.45 -14.58 -2.43
C SER A 186 -7.74 -13.23 -2.42
N ILE A 187 -6.42 -13.25 -2.26
CA ILE A 187 -5.65 -12.02 -2.25
C ILE A 187 -5.81 -11.23 -3.55
N LEU A 188 -5.68 -11.90 -4.69
CA LEU A 188 -5.83 -11.22 -5.98
C LEU A 188 -7.26 -10.67 -6.14
N HIS A 189 -8.26 -11.43 -5.71
CA HIS A 189 -9.65 -11.00 -5.80
C HIS A 189 -9.89 -9.75 -4.93
N GLN A 190 -9.38 -9.78 -3.70
CA GLN A 190 -9.49 -8.62 -2.80
C GLN A 190 -8.81 -7.39 -3.37
N LEU A 191 -7.62 -7.57 -3.90
CA LEU A 191 -6.89 -6.44 -4.50
C LEU A 191 -7.64 -5.84 -5.69
N THR A 192 -8.13 -6.71 -6.56
CA THR A 192 -8.84 -6.28 -7.77
C THR A 192 -10.11 -5.53 -7.41
N ALA A 193 -10.86 -6.07 -6.46
CA ALA A 193 -12.11 -5.43 -6.03
C ALA A 193 -11.85 -4.04 -5.43
N SER A 194 -10.84 -3.93 -4.59
CA SER A 194 -10.53 -2.65 -3.96
C SER A 194 -10.16 -1.61 -4.98
N LEU A 195 -9.30 -2.02 -5.91
CA LEU A 195 -8.89 -1.09 -6.96
C LEU A 195 -10.06 -0.68 -7.84
N ALA A 196 -10.97 -1.62 -8.13
CA ALA A 196 -12.14 -1.32 -8.95
C ALA A 196 -13.02 -0.30 -8.25
N VAL A 197 -13.26 -0.49 -6.96
CA VAL A 197 -14.10 0.45 -6.21
C VAL A 197 -13.48 1.85 -6.21
N ALA A 198 -12.17 1.93 -6.06
CA ALA A 198 -11.47 3.22 -6.10
C ALA A 198 -11.45 3.85 -7.51
N GLU A 199 -11.33 3.01 -8.54
CA GLU A 199 -11.48 3.50 -9.91
C GLU A 199 -12.85 4.17 -10.08
N ALA A 200 -13.88 3.47 -9.61
CA ALA A 200 -15.24 3.90 -9.84
C ALA A 200 -15.57 5.18 -9.11
N SER A 201 -15.07 5.31 -7.89
CA SER A 201 -15.40 6.49 -7.06
CA SER A 201 -15.37 6.47 -7.01
C SER A 201 -14.48 7.67 -7.30
N LEU A 202 -13.21 7.37 -7.56
CA LEU A 202 -12.15 8.38 -7.47
C LEU A 202 -11.24 8.45 -8.70
N ARG A 203 -11.49 7.62 -9.72
CA ARG A 203 -10.54 7.52 -10.86
C ARG A 203 -9.12 7.36 -10.32
N PHE A 204 -9.00 6.38 -9.44
CA PHE A 204 -7.77 6.10 -8.71
C PHE A 204 -6.79 5.19 -9.46
N GLU A 205 -5.51 5.55 -9.39
CA GLU A 205 -4.42 4.64 -9.78
C GLU A 205 -3.44 4.61 -8.62
N HIS A 206 -3.05 3.42 -8.20
CA HIS A 206 -2.09 3.30 -7.10
C HIS A 206 -0.68 3.73 -7.51
N ARG A 207 -0.26 3.20 -8.66
CA ARG A 207 1.04 3.49 -9.32
C ARG A 207 2.31 2.97 -8.67
N ASP A 208 2.20 2.28 -7.54
CA ASP A 208 3.40 1.74 -6.88
C ASP A 208 3.05 0.54 -6.02
N LEU A 209 2.27 -0.40 -6.59
CA LEU A 209 1.71 -1.50 -5.80
C LEU A 209 2.62 -2.72 -5.78
N HIS A 210 3.87 -2.48 -5.38
CA HIS A 210 4.81 -3.57 -5.18
C HIS A 210 4.38 -4.39 -3.96
N TRP A 211 4.99 -5.56 -3.82
CA TRP A 211 4.53 -6.49 -2.77
C TRP A 211 4.83 -6.09 -1.33
N GLY A 212 5.63 -5.05 -1.12
CA GLY A 212 5.70 -4.44 0.20
C GLY A 212 4.48 -3.61 0.58
N ASN A 213 3.60 -3.34 -0.39
CA ASN A 213 2.43 -2.48 -0.19
C ASN A 213 1.09 -3.23 -0.16
N VAL A 214 1.18 -4.56 -0.04
CA VAL A 214 0.04 -5.45 0.12
C VAL A 214 0.16 -6.05 1.51
N LEU A 215 -0.75 -5.69 2.41
CA LEU A 215 -0.68 -6.16 3.79
C LEU A 215 -1.76 -7.22 4.05
N LEU A 216 -1.39 -8.22 4.85
CA LEU A 216 -2.25 -9.36 5.14
C LEU A 216 -2.45 -9.47 6.65
N LYS A 217 -3.70 -9.55 7.07
CA LYS A 217 -4.07 -9.66 8.51
C LYS A 217 -5.08 -10.77 8.64
N LYS A 218 -4.97 -11.58 9.69
CA LYS A 218 -5.97 -12.63 9.95
C LYS A 218 -7.37 -12.02 10.14
N THR A 219 -8.38 -12.70 9.64
CA THR A 219 -9.77 -12.32 9.92
C THR A 219 -10.53 -13.58 10.23
N SER A 220 -11.48 -13.46 11.17
CA SER A 220 -12.41 -14.54 11.44
C SER A 220 -13.60 -14.54 10.47
N LEU A 221 -13.75 -13.48 9.66
CA LEU A 221 -14.81 -13.46 8.66
C LEU A 221 -14.55 -14.47 7.55
N LYS A 222 -15.57 -15.22 7.17
CA LYS A 222 -15.45 -16.15 6.06
C LYS A 222 -15.55 -15.47 4.70
N LYS A 223 -16.29 -14.37 4.66
CA LYS A 223 -16.58 -13.59 3.44
C LYS A 223 -16.31 -12.12 3.74
N LEU A 224 -15.70 -11.43 2.79
CA LEU A 224 -15.55 -9.97 2.85
C LEU A 224 -16.50 -9.33 1.85
N HIS A 225 -16.91 -8.10 2.15
CA HIS A 225 -17.96 -7.42 1.42
C HIS A 225 -17.44 -6.16 0.76
N TYR A 226 -17.86 -5.94 -0.48
CA TYR A 226 -17.64 -4.64 -1.15
C TYR A 226 -18.87 -4.24 -1.95
N THR A 227 -18.94 -2.97 -2.32
CA THR A 227 -20.02 -2.49 -3.19
C THR A 227 -19.37 -1.67 -4.29
N LEU A 228 -19.75 -2.01 -5.54
CA LEU A 228 -19.23 -1.35 -6.73
C LEU A 228 -20.40 -0.75 -7.49
N ASN A 229 -20.41 0.56 -7.65
CA ASN A 229 -21.53 1.28 -8.32
C ASN A 229 -22.89 0.77 -7.90
N GLY A 230 -23.02 0.61 -6.59
CA GLY A 230 -24.30 0.20 -5.95
C GLY A 230 -24.62 -1.27 -5.92
N LYS A 231 -23.74 -2.12 -6.49
CA LYS A 231 -23.98 -3.56 -6.53
C LYS A 231 -23.02 -4.19 -5.51
N SER A 232 -23.57 -4.88 -4.50
CA SER A 232 -22.76 -5.49 -3.45
C SER A 232 -22.42 -6.94 -3.77
N SER A 233 -21.23 -7.37 -3.41
CA SER A 233 -20.86 -8.78 -3.55
CA SER A 233 -20.78 -8.74 -3.62
C SER A 233 -19.87 -9.16 -2.47
N THR A 234 -19.46 -10.42 -2.47
CA THR A 234 -18.60 -10.94 -1.42
C THR A 234 -17.45 -11.68 -2.02
N ILE A 235 -16.40 -11.81 -1.21
CA ILE A 235 -15.18 -12.51 -1.58
C ILE A 235 -14.80 -13.47 -0.45
N PRO A 236 -14.65 -14.76 -0.76
CA PRO A 236 -14.16 -15.66 0.30
C PRO A 236 -12.79 -15.24 0.80
N SER A 237 -12.64 -15.12 2.12
CA SER A 237 -11.44 -14.53 2.69
C SER A 237 -10.23 -15.47 2.75
N CYS A 238 -10.46 -16.77 2.80
CA CYS A 238 -9.39 -17.73 3.16
C CYS A 238 -8.66 -17.31 4.45
N GLY A 239 -9.39 -16.67 5.36
CA GLY A 239 -8.85 -16.28 6.65
C GLY A 239 -7.98 -15.03 6.68
N LEU A 240 -7.91 -14.29 5.57
CA LEU A 240 -7.07 -13.08 5.51
C LEU A 240 -7.83 -11.90 4.94
N GLN A 241 -7.54 -10.74 5.50
CA GLN A 241 -8.01 -9.47 4.96
C GLN A 241 -6.83 -8.69 4.43
N VAL A 242 -6.96 -8.28 3.17
CA VAL A 242 -5.92 -7.53 2.48
C VAL A 242 -6.11 -6.03 2.64
N SER A 243 -5.02 -5.30 2.87
CA SER A 243 -5.01 -3.84 2.84
C SER A 243 -3.90 -3.35 1.93
N ILE A 244 -4.27 -2.48 1.00
CA ILE A 244 -3.34 -1.78 0.10
C ILE A 244 -2.90 -0.50 0.78
N ILE A 245 -1.61 -0.27 0.83
CA ILE A 245 -1.01 0.90 1.49
C ILE A 245 -0.11 1.68 0.53
N ASP A 246 0.30 2.86 1.03
CA ASP A 246 1.38 3.70 0.51
C ASP A 246 1.01 4.41 -0.78
N TYR A 247 0.47 5.63 -0.63
CA TYR A 247 -0.08 6.38 -1.74
C TYR A 247 0.82 7.48 -2.25
N THR A 248 2.13 7.34 -2.00
CA THR A 248 3.12 8.37 -2.40
C THR A 248 3.22 8.63 -3.91
N LEU A 249 2.89 7.64 -4.74
CA LEU A 249 2.90 7.85 -6.23
C LEU A 249 1.50 7.87 -6.82
N SER A 250 0.48 7.79 -5.98
CA SER A 250 -0.89 7.60 -6.43
C SER A 250 -1.51 8.83 -7.09
N ARG A 251 -2.62 8.57 -7.76
CA ARG A 251 -3.39 9.60 -8.46
C ARG A 251 -4.88 9.35 -8.25
N LEU A 252 -5.63 10.43 -8.10
CA LEU A 252 -7.08 10.34 -8.13
C LEU A 252 -7.64 11.71 -8.49
N GLU A 253 -8.95 11.78 -8.59
CA GLU A 253 -9.59 13.08 -8.89
C GLU A 253 -10.97 13.11 -8.29
N ARG A 254 -11.42 14.30 -7.93
CA ARG A 254 -12.80 14.52 -7.54
C ARG A 254 -13.21 15.83 -8.20
N ASP A 255 -14.33 15.76 -8.90
CA ASP A 255 -14.91 16.94 -9.59
C ASP A 255 -13.92 17.66 -10.51
N GLY A 256 -13.08 16.86 -11.16
CA GLY A 256 -12.11 17.37 -12.13
C GLY A 256 -10.84 17.91 -11.55
N ILE A 257 -10.70 17.86 -10.22
CA ILE A 257 -9.50 18.31 -9.57
C ILE A 257 -8.64 17.06 -9.36
N VAL A 258 -7.46 17.05 -9.99
CA VAL A 258 -6.60 15.86 -9.98
C VAL A 258 -5.50 16.05 -8.93
N VAL A 259 -5.28 15.00 -8.13
CA VAL A 259 -4.22 14.95 -7.13
C VAL A 259 -3.31 13.82 -7.53
N PHE A 260 -2.02 14.12 -7.71
CA PHE A 260 -1.06 13.12 -8.18
C PHE A 260 0.37 13.52 -7.90
N CYS A 261 1.28 12.58 -8.17
CA CYS A 261 2.73 12.84 -8.11
C CYS A 261 3.30 12.92 -9.52
N ASP A 262 3.75 14.10 -9.91
CA ASP A 262 4.30 14.28 -11.24
C ASP A 262 5.74 13.78 -11.27
N VAL A 263 5.92 12.56 -11.78
CA VAL A 263 7.24 11.95 -11.95
C VAL A 263 7.78 12.05 -13.38
N SER A 264 7.22 12.96 -14.20
CA SER A 264 7.61 13.07 -15.62
C SER A 264 9.09 13.37 -15.82
N MET A 265 9.70 14.10 -14.88
CA MET A 265 11.12 14.45 -14.97
C MET A 265 12.00 13.60 -14.06
N ASP A 266 11.44 12.60 -13.38
CA ASP A 266 12.24 11.74 -12.53
C ASP A 266 13.14 10.86 -13.41
N GLU A 267 14.42 10.78 -13.10
CA GLU A 267 15.33 9.93 -13.89
C GLU A 267 15.21 8.48 -13.39
N ASP A 268 15.54 8.36 -12.10
CA ASP A 268 15.85 7.09 -11.47
C ASP A 268 14.67 6.14 -11.40
N LEU A 269 13.44 6.65 -11.33
CA LEU A 269 12.25 5.79 -11.26
C LEU A 269 12.15 4.77 -12.41
N PHE A 270 12.62 5.16 -13.60
CA PHE A 270 12.45 4.37 -14.82
C PHE A 270 13.68 3.57 -15.22
N THR A 271 14.70 3.55 -14.37
CA THR A 271 15.98 2.90 -14.71
C THR A 271 16.35 1.74 -13.81
N GLY A 272 15.38 1.19 -13.05
CA GLY A 272 15.64 0.02 -12.22
C GLY A 272 15.75 -1.25 -13.06
N ASP A 273 16.35 -2.27 -12.46
CA ASP A 273 16.37 -3.61 -13.06
C ASP A 273 16.42 -4.68 -11.96
N GLY A 274 16.28 -5.93 -12.36
CA GLY A 274 16.37 -7.08 -11.47
C GLY A 274 15.06 -7.59 -10.90
N ASP A 275 13.96 -6.98 -11.27
CA ASP A 275 12.64 -7.35 -10.78
C ASP A 275 11.66 -6.75 -11.77
N TYR A 276 10.62 -7.51 -12.07
CA TYR A 276 9.52 -7.04 -12.88
C TYR A 276 8.92 -5.73 -12.37
N GLN A 277 9.01 -5.49 -11.06
CA GLN A 277 8.60 -4.20 -10.47
C GLN A 277 9.12 -3.04 -11.29
N PHE A 278 10.38 -3.09 -11.67
CA PHE A 278 10.99 -1.93 -12.34
C PHE A 278 10.55 -1.76 -13.79
N ASP A 279 10.12 -2.85 -14.42
CA ASP A 279 9.49 -2.77 -15.72
C ASP A 279 8.12 -2.08 -15.62
N ILE A 280 7.42 -2.27 -14.50
CA ILE A 280 6.10 -1.66 -14.39
C ILE A 280 6.17 -0.13 -14.48
N TYR A 281 7.20 0.49 -13.86
CA TYR A 281 7.34 1.94 -13.99
C TYR A 281 7.47 2.35 -15.47
N ARG A 282 8.31 1.62 -16.22
CA ARG A 282 8.47 1.87 -17.66
C ARG A 282 7.19 1.65 -18.46
N LEU A 283 6.46 0.59 -18.14
CA LEU A 283 5.20 0.28 -18.83
C LEU A 283 4.11 1.30 -18.52
N MET A 284 4.09 1.84 -17.29
CA MET A 284 3.18 2.94 -16.97
C MET A 284 3.49 4.16 -17.82
N LYS A 285 4.77 4.47 -17.95
CA LYS A 285 5.19 5.68 -18.69
C LYS A 285 4.85 5.51 -20.18
N LYS A 286 4.96 4.27 -20.69
CA LYS A 286 4.56 4.00 -22.08
C LYS A 286 3.03 4.20 -22.25
N GLU A 287 2.27 3.66 -21.30
CA GLU A 287 0.80 3.77 -21.33
C GLU A 287 0.29 5.20 -21.31
N ASN A 288 0.93 6.03 -20.50
CA ASN A 288 0.44 7.41 -20.29
C ASN A 288 1.19 8.50 -21.04
N ASN A 289 2.12 8.08 -21.90
CA ASN A 289 2.94 9.01 -22.69
C ASN A 289 3.66 10.03 -21.82
N ASN A 290 4.02 9.61 -20.61
CA ASN A 290 4.66 10.47 -19.61
C ASN A 290 3.81 11.65 -19.12
N ARG A 291 2.48 11.52 -19.23
CA ARG A 291 1.53 12.55 -18.78
C ARG A 291 0.82 11.98 -17.54
N TRP A 292 1.34 12.30 -16.34
CA TRP A 292 0.92 11.61 -15.10
C TRP A 292 -0.36 12.18 -14.53
N GLY A 293 -0.82 13.34 -15.01
CA GLY A 293 -2.10 13.85 -14.55
C GLY A 293 -3.31 13.13 -15.14
N GLU A 294 -3.15 12.54 -16.31
CA GLU A 294 -4.23 11.82 -16.97
C GLU A 294 -4.63 10.58 -16.19
N TYR A 295 -5.84 10.11 -16.46
CA TYR A 295 -6.33 8.85 -15.89
C TYR A 295 -6.10 7.71 -16.85
N HIS A 296 -5.25 6.78 -16.41
CA HIS A 296 -4.95 5.51 -17.14
C HIS A 296 -5.10 4.35 -16.17
N PRO A 297 -6.34 3.84 -15.97
CA PRO A 297 -6.54 2.73 -15.03
C PRO A 297 -5.87 1.44 -15.46
N TYR A 298 -5.39 1.35 -16.72
CA TYR A 298 -4.54 0.23 -17.06
C TYR A 298 -3.31 0.09 -16.15
N SER A 299 -2.83 1.18 -15.54
CA SER A 299 -1.73 1.00 -14.59
C SER A 299 -2.11 0.05 -13.43
N ASN A 300 -3.37 0.07 -12.99
CA ASN A 300 -3.80 -0.87 -11.96
C ASN A 300 -3.73 -2.33 -12.45
N VAL A 301 -4.05 -2.54 -13.72
CA VAL A 301 -3.95 -3.87 -14.33
C VAL A 301 -2.46 -4.30 -14.37
N LEU A 302 -1.58 -3.37 -14.74
CA LEU A 302 -0.14 -3.67 -14.75
C LEU A 302 0.34 -4.13 -13.37
N TRP A 303 -0.03 -3.39 -12.30
CA TRP A 303 0.37 -3.80 -10.98
C TRP A 303 -0.23 -5.12 -10.57
N LEU A 304 -1.50 -5.34 -10.92
CA LEU A 304 -2.12 -6.63 -10.64
C LEU A 304 -1.41 -7.78 -11.36
N HIS A 305 -0.90 -7.54 -12.55
CA HIS A 305 -0.13 -8.53 -13.28
C HIS A 305 1.19 -8.81 -12.60
N TYR A 306 1.85 -7.75 -12.15
CA TYR A 306 3.08 -7.90 -11.36
C TYR A 306 2.83 -8.72 -10.10
N LEU A 307 1.71 -8.48 -9.43
CA LEU A 307 1.39 -9.23 -8.21
C LEU A 307 1.05 -10.70 -8.48
N THR A 308 0.31 -10.95 -9.56
CA THR A 308 0.01 -12.32 -10.00
C THR A 308 1.29 -13.05 -10.34
N ASP A 309 2.19 -12.36 -11.01
CA ASP A 309 3.51 -12.90 -11.34
C ASP A 309 4.29 -13.28 -10.06
N LYS A 310 4.26 -12.42 -9.05
CA LYS A 310 4.87 -12.79 -7.76
C LYS A 310 4.22 -14.02 -7.16
N MET A 311 2.89 -14.12 -7.21
CA MET A 311 2.20 -15.27 -6.65
C MET A 311 2.65 -16.60 -7.29
N LEU A 312 2.89 -16.56 -8.60
CA LEU A 312 3.24 -17.76 -9.37
C LEU A 312 4.71 -18.08 -9.38
N LYS A 313 5.56 -17.08 -9.19
CA LYS A 313 6.99 -17.27 -9.39
C LYS A 313 7.87 -17.15 -8.14
N GLN A 314 7.47 -16.31 -7.18
CA GLN A 314 8.29 -16.03 -6.00
C GLN A 314 7.67 -16.48 -4.68
N MET A 315 6.35 -16.40 -4.56
CA MET A 315 5.69 -16.97 -3.37
C MET A 315 5.90 -18.47 -3.38
N THR A 316 5.98 -19.04 -2.19
CA THR A 316 6.08 -20.47 -2.01
C THR A 316 5.14 -20.89 -0.90
N PHE A 317 4.31 -21.89 -1.16
CA PHE A 317 3.20 -22.23 -0.26
C PHE A 317 3.51 -23.45 0.56
N LYS A 318 2.93 -23.48 1.74
CA LYS A 318 3.14 -24.61 2.64
C LYS A 318 2.62 -25.93 2.05
N THR A 319 1.48 -25.83 1.37
CA THR A 319 0.84 -26.98 0.72
C THR A 319 0.74 -26.67 -0.74
N LYS A 320 1.27 -27.56 -1.55
CA LYS A 320 1.25 -27.40 -3.01
C LYS A 320 -0.11 -27.97 -3.50
N CYS A 321 -0.51 -27.73 -4.74
CA CYS A 321 -1.85 -28.10 -5.16
C CYS A 321 -1.88 -29.65 -5.39
N ASN A 322 -2.70 -30.36 -4.60
CA ASN A 322 -2.90 -31.84 -4.72
C ASN A 322 -4.36 -32.26 -4.41
N THR A 323 -5.31 -31.54 -4.98
CA THR A 323 -6.72 -31.90 -5.01
C THR A 323 -7.14 -31.42 -6.39
N PRO A 324 -8.11 -32.09 -7.02
CA PRO A 324 -8.54 -31.53 -8.31
C PRO A 324 -9.07 -30.10 -8.24
N ALA A 325 -9.70 -29.73 -7.13
CA ALA A 325 -10.17 -28.35 -6.93
C ALA A 325 -8.99 -27.35 -6.83
N MET A 326 -7.87 -27.78 -6.22
CA MET A 326 -6.69 -26.92 -6.04
CA MET A 326 -6.69 -26.91 -6.04
C MET A 326 -5.88 -26.82 -7.33
N LYS A 327 -5.78 -27.91 -8.07
CA LYS A 327 -5.01 -27.90 -9.30
C LYS A 327 -5.73 -27.04 -10.36
N GLN A 328 -7.08 -27.03 -10.32
CA GLN A 328 -7.90 -26.13 -11.14
C GLN A 328 -7.67 -24.68 -10.71
N ILE A 329 -7.60 -24.40 -9.41
CA ILE A 329 -7.27 -23.04 -8.96
C ILE A 329 -5.93 -22.57 -9.53
N LYS A 330 -4.90 -23.41 -9.50
CA LYS A 330 -3.59 -23.05 -10.07
C LYS A 330 -3.69 -22.74 -11.55
N ARG A 331 -4.36 -23.61 -12.30
CA ARG A 331 -4.56 -23.36 -13.74
C ARG A 331 -5.31 -22.04 -13.97
N LYS A 332 -6.28 -21.73 -13.11
CA LYS A 332 -7.05 -20.48 -13.30
C LYS A 332 -6.20 -19.24 -13.03
N ILE A 333 -5.32 -19.30 -12.03
CA ILE A 333 -4.41 -18.18 -11.77
C ILE A 333 -3.39 -18.04 -12.91
N GLN A 334 -2.90 -19.16 -13.43
CA GLN A 334 -2.04 -19.10 -14.62
C GLN A 334 -2.75 -18.46 -15.81
N GLU A 335 -4.01 -18.85 -16.01
CA GLU A 335 -4.81 -18.26 -17.09
C GLU A 335 -5.03 -16.77 -16.87
N PHE A 336 -5.25 -16.35 -15.62
CA PHE A 336 -5.36 -14.91 -15.30
C PHE A 336 -4.07 -14.19 -15.68
N HIS A 337 -2.93 -14.76 -15.32
CA HIS A 337 -1.63 -14.14 -15.64
C HIS A 337 -1.46 -13.91 -17.13
N ARG A 338 -1.90 -14.86 -17.96
CA ARG A 338 -1.66 -14.75 -19.40
C ARG A 338 -2.76 -13.99 -20.16
N THR A 339 -3.86 -13.63 -19.47
CA THR A 339 -4.98 -12.93 -20.13
C THR A 339 -5.24 -11.53 -19.59
N MET A 340 -4.86 -11.27 -18.35
CA MET A 340 -5.28 -10.04 -17.67
C MET A 340 -4.78 -8.76 -18.31
N LEU A 341 -3.64 -8.81 -19.02
CA LEU A 341 -3.15 -7.59 -19.68
C LEU A 341 -3.99 -7.15 -20.85
N ASN A 342 -4.99 -7.95 -21.22
CA ASN A 342 -5.96 -7.57 -22.25
C ASN A 342 -7.23 -6.92 -21.68
N PHE A 343 -7.17 -6.51 -20.40
CA PHE A 343 -8.27 -5.81 -19.76
C PHE A 343 -7.86 -4.36 -19.50
N SER A 344 -8.84 -3.48 -19.48
CA SER A 344 -8.55 -2.04 -19.49
C SER A 344 -8.43 -1.39 -18.12
N SER A 345 -8.87 -2.08 -17.07
CA SER A 345 -8.94 -1.49 -15.73
C SER A 345 -9.16 -2.62 -14.73
N ALA A 346 -8.96 -2.33 -13.45
CA ALA A 346 -9.31 -3.30 -12.42
C ALA A 346 -10.86 -3.57 -12.42
N THR A 347 -11.65 -2.52 -12.76
CA THR A 347 -13.09 -2.68 -12.90
C THR A 347 -13.42 -3.74 -13.98
N ASP A 348 -12.80 -3.62 -15.14
CA ASP A 348 -12.98 -4.58 -16.24
C ASP A 348 -12.60 -6.00 -15.78
N LEU A 349 -11.45 -6.13 -15.10
CA LEU A 349 -11.05 -7.44 -14.57
C LEU A 349 -12.08 -8.00 -13.61
N LEU A 350 -12.49 -7.20 -12.64
CA LEU A 350 -13.43 -7.70 -11.65
C LEU A 350 -14.72 -8.16 -12.27
N CYS A 351 -15.25 -7.32 -13.16
CA CYS A 351 -16.58 -7.56 -13.72
C CYS A 351 -16.61 -8.60 -14.83
N GLN A 352 -15.49 -8.77 -15.54
CA GLN A 352 -15.48 -9.61 -16.75
C GLN A 352 -14.58 -10.85 -16.69
N HIS A 353 -13.56 -10.87 -15.84
CA HIS A 353 -12.63 -12.01 -15.83
C HIS A 353 -13.22 -13.27 -15.21
N SER A 354 -13.03 -14.39 -15.89
CA SER A 354 -13.55 -15.67 -15.41
C SER A 354 -13.00 -16.10 -14.04
N LEU A 355 -11.84 -15.60 -13.62
CA LEU A 355 -11.26 -15.98 -12.32
C LEU A 355 -12.22 -15.65 -11.19
N PHE A 356 -13.02 -14.60 -11.38
CA PHE A 356 -13.87 -14.07 -10.31
C PHE A 356 -15.33 -14.48 -10.44
N LYS A 357 -15.61 -15.45 -11.31
CA LYS A 357 -16.99 -15.96 -11.51
C LYS A 357 -17.24 -17.26 -10.74
O5' TBN B . 6.16 1.15 4.07
C5' TBN B . 7.23 0.30 4.49
C4' TBN B . 6.78 -0.95 5.20
O4' TBN B . 6.22 -0.59 6.50
C1' TBN B . 5.13 -1.46 6.80
N9 TBN B . 3.92 -0.66 6.92
C8 TBN B . 3.70 0.59 6.33
C7 TBN B . 2.45 1.02 6.62
C5 TBN B . 1.82 0.00 7.41
C6 TBN B . 0.57 -0.22 8.06
N1 TBN B . 0.36 -1.35 8.77
C2 TBN B . 1.37 -2.23 8.85
N3 TBN B . 2.60 -2.16 8.30
C4 TBN B . 2.78 -1.02 7.59
N6 TBN B . -0.45 0.65 7.94
C2' TBN B . 5.08 -2.51 5.69
O2' TBN B . 5.87 -3.62 6.11
C3' TBN B . 5.68 -1.74 4.52
O3' TBN B . 6.23 -2.55 3.46
S DMS C . -19.60 -6.17 -9.04
O DMS C . -20.28 -6.36 -7.70
C1 DMS C . -18.93 -7.62 -9.67
C2 DMS C . -20.79 -5.86 -10.22
N1 EPE D . -4.71 1.59 -23.94
C2 EPE D . -3.65 0.64 -24.37
C3 EPE D . -3.62 -0.67 -23.58
N4 EPE D . -4.96 -1.20 -23.16
C5 EPE D . -5.89 -0.16 -22.65
C6 EPE D . -5.25 1.23 -22.61
C7 EPE D . -5.57 -2.03 -24.22
C8 EPE D . -6.61 -2.98 -23.62
O8 EPE D . -5.97 -3.76 -22.60
C9 EPE D . -4.45 3.07 -24.05
C10 EPE D . -3.15 3.55 -24.71
S EPE D . -3.09 5.21 -24.89
O1S EPE D . -3.54 5.57 -26.26
O2S EPE D . -3.97 5.91 -23.92
O3S EPE D . -1.69 5.67 -24.70
P PO4 E . -9.87 16.54 -3.75
O1 PO4 E . -9.77 15.05 -3.35
O2 PO4 E . -9.02 17.43 -2.86
O3 PO4 E . -11.32 16.94 -3.57
O4 PO4 E . -9.45 16.70 -5.20
#